data_1R8B
#
_entry.id   1R8B
#
_cell.length_a   86.402
_cell.length_b   79.371
_cell.length_c   78.135
_cell.angle_alpha   90.00
_cell.angle_beta   97.33
_cell.angle_gamma   90.00
#
_symmetry.space_group_name_H-M   'C 1 2 1'
#
loop_
_entity.id
_entity.type
_entity.pdbx_description
1 polymer 'tRNA nucleotidyltransferase'
2 non-polymer 'MANGANESE (II) ION'
3 non-polymer 'MAGNESIUM ION'
4 non-polymer 'SODIUM ION'
5 non-polymer 'CHLORIDE ION'
6 non-polymer "ADENOSINE-5'-TRIPHOSPHATE"
7 water water
#
_entity_poly.entity_id   1
_entity_poly.type   'polypeptide(L)'
_entity_poly.pdbx_seq_one_letter_code
;MKVEEILEKALELVIPDEEEVRKGREAEEELRRRLDELGVEYVFVGSYARNTWLKGSLEIDVFLLFPEEFSKEELRERGL
EIGKAVLDSYEIRYAEHPYVHGVVKGVEVDVVPCYKLKEPKNIKSAVDRTPFHHKWLEGRIKGKENEVRLLKGFLKANGI
YGAEYKVRGFSGYLCELLIVFYGSFLETVKNARRWTRRTVIDVAKGEVRKGEEFFVVDPVDEKRNVAANLSLDNLARFVH
LCREFMEAPSLGFFKPKHPLEIEPERLRKIVEERGTAVFAVKFRKPDIVDDNLYPQLERASRKIFEFLERENFMPLRSAF
KASEEFCYLLFECQIKEISRVFRRMGPQFEDERNVKKFLSRNRAFRPFIENGRWWAFEMRKFTTPEEGVRSYASTHWHTL
GKNVGESIREYFEIISGEKLFKEPVTAELCEMMGVKD
;
_entity_poly.pdbx_strand_id   A
#
loop_
_chem_comp.id
_chem_comp.type
_chem_comp.name
_chem_comp.formula
ATP non-polymer ADENOSINE-5'-TRIPHOSPHATE 'C10 H16 N5 O13 P3'
CL non-polymer 'CHLORIDE ION' 'Cl -1'
MG non-polymer 'MAGNESIUM ION' 'Mg 2'
MN non-polymer 'MANGANESE (II) ION' 'Mn 2'
NA non-polymer 'SODIUM ION' 'Na 1'
#
# COMPACT_ATOMS: atom_id res chain seq x y z
N MET A 1 18.48 26.19 4.01
CA MET A 1 19.56 26.81 3.19
C MET A 1 18.97 27.65 2.05
N LYS A 2 17.74 28.15 2.27
CA LYS A 2 16.88 28.69 1.22
C LYS A 2 16.20 27.56 0.46
N VAL A 3 14.89 27.67 0.28
CA VAL A 3 14.10 26.65 -0.42
C VAL A 3 14.66 26.47 -1.82
N GLU A 4 14.77 27.56 -2.56
CA GLU A 4 15.23 27.51 -3.95
C GLU A 4 16.59 26.81 -4.11
N GLU A 5 17.48 26.96 -3.12
CA GLU A 5 18.79 26.27 -3.14
C GLU A 5 18.68 24.79 -2.80
N ILE A 6 17.81 24.46 -1.85
CA ILE A 6 17.59 23.09 -1.46
C ILE A 6 17.04 22.32 -2.64
N LEU A 7 16.09 22.90 -3.35
CA LEU A 7 15.47 22.30 -4.52
C LEU A 7 16.48 22.06 -5.64
N GLU A 8 17.43 22.96 -5.81
CA GLU A 8 18.51 22.75 -6.77
C GLU A 8 19.39 21.58 -6.30
N LYS A 9 19.67 21.54 -5.00
CA LYS A 9 20.47 20.44 -4.43
C LYS A 9 19.73 19.09 -4.50
N ALA A 10 18.39 19.10 -4.47
CA ALA A 10 17.60 17.87 -4.49
C ALA A 10 17.55 17.28 -5.91
N LEU A 11 17.69 18.13 -6.92
CA LEU A 11 17.65 17.70 -8.30
C LEU A 11 18.64 16.58 -8.60
N GLU A 12 19.79 16.55 -7.92
CA GLU A 12 20.78 15.48 -8.13
C GLU A 12 20.44 14.14 -7.44
N LEU A 13 19.69 14.18 -6.34
CA LEU A 13 19.17 12.96 -5.73
C LEU A 13 18.07 12.32 -6.59
N VAL A 14 17.51 13.14 -7.48
CA VAL A 14 16.25 12.87 -8.16
C VAL A 14 16.38 12.60 -9.70
N ILE A 15 17.34 13.24 -10.36
CA ILE A 15 17.53 13.10 -11.82
C ILE A 15 18.38 11.86 -12.07
N PRO A 16 17.95 10.96 -12.95
CA PRO A 16 18.69 9.70 -13.16
C PRO A 16 20.10 9.97 -13.67
N ASP A 17 21.06 9.15 -13.25
CA ASP A 17 22.46 9.43 -13.58
C ASP A 17 22.81 9.06 -15.03
N GLU A 18 24.10 9.13 -15.32
CA GLU A 18 24.59 9.17 -16.70
C GLU A 18 24.35 7.85 -17.42
N GLU A 19 24.85 6.76 -16.83
CA GLU A 19 24.73 5.44 -17.43
C GLU A 19 23.28 4.95 -17.50
N GLU A 20 22.41 5.51 -16.67
CA GLU A 20 21.01 5.12 -16.64
C GLU A 20 20.22 5.66 -17.85
N VAL A 21 20.44 6.94 -18.18
CA VAL A 21 19.72 7.55 -19.29
C VAL A 21 20.09 6.89 -20.61
N ARG A 22 21.38 6.63 -20.80
CA ARG A 22 21.84 5.97 -22.03
C ARG A 22 21.51 4.47 -22.03
N LYS A 23 21.41 3.86 -20.84
CA LYS A 23 20.96 2.48 -20.75
C LYS A 23 19.54 2.39 -21.30
N GLY A 24 18.73 3.41 -21.02
CA GLY A 24 17.36 3.48 -21.52
C GLY A 24 17.30 3.73 -23.01
N ARG A 25 18.11 4.67 -23.48
CA ARG A 25 18.20 5.04 -24.89
C ARG A 25 18.52 3.81 -25.72
N GLU A 26 19.47 3.01 -25.25
CA GLU A 26 19.94 1.84 -25.98
C GLU A 26 18.89 0.74 -26.01
N ALA A 27 18.19 0.55 -24.90
CA ALA A 27 17.05 -0.37 -24.85
C ALA A 27 15.88 0.08 -25.72
N GLU A 28 15.56 1.37 -25.68
CA GLU A 28 14.45 1.95 -26.43
C GLU A 28 14.66 1.78 -27.92
N GLU A 29 15.84 2.13 -28.40
CA GLU A 29 16.13 2.08 -29.84
C GLU A 29 16.06 0.63 -30.32
N GLU A 30 16.63 -0.29 -29.55
CA GLU A 30 16.62 -1.72 -29.89
C GLU A 30 15.19 -2.28 -29.94
N LEU A 31 14.37 -1.85 -28.99
CA LEU A 31 12.95 -2.19 -28.91
C LEU A 31 12.20 -1.66 -30.15
N ARG A 32 12.50 -0.41 -30.55
CA ARG A 32 11.90 0.19 -31.74
C ARG A 32 12.20 -0.65 -32.96
N ARG A 33 13.46 -1.10 -33.05
CA ARG A 33 13.99 -1.87 -34.18
C ARG A 33 13.22 -3.18 -34.33
N ARG A 34 13.04 -3.88 -33.22
CA ARG A 34 12.34 -5.15 -33.19
C ARG A 34 10.85 -5.01 -33.52
N LEU A 35 10.22 -3.99 -32.94
CA LEU A 35 8.84 -3.65 -33.27
C LEU A 35 8.67 -3.22 -34.72
N ASP A 36 9.55 -2.34 -35.20
CA ASP A 36 9.47 -1.79 -36.55
C ASP A 36 9.61 -2.92 -37.57
N GLU A 37 10.53 -3.84 -37.28
CA GLU A 37 10.83 -4.93 -38.19
C GLU A 37 9.60 -5.84 -38.32
N LEU A 38 8.75 -5.85 -37.28
CA LEU A 38 7.50 -6.63 -37.32
C LEU A 38 6.31 -5.88 -37.90
N GLY A 39 6.49 -4.58 -38.16
CA GLY A 39 5.43 -3.77 -38.73
C GLY A 39 4.36 -3.45 -37.71
N VAL A 40 4.71 -3.51 -36.42
CA VAL A 40 3.76 -3.30 -35.34
C VAL A 40 3.51 -1.81 -35.17
N GLU A 41 2.28 -1.46 -34.83
CA GLU A 41 1.89 -0.08 -34.59
C GLU A 41 1.91 0.09 -33.06
N TYR A 42 2.69 1.04 -32.55
CA TYR A 42 2.88 1.16 -31.10
C TYR A 42 3.19 2.59 -30.66
N VAL A 43 3.13 2.81 -29.35
CA VAL A 43 3.51 4.09 -28.74
C VAL A 43 4.15 3.88 -27.38
N PHE A 44 5.25 4.58 -27.14
CA PHE A 44 5.95 4.51 -25.89
C PHE A 44 5.21 5.53 -25.04
N VAL A 45 4.74 5.11 -23.87
CA VAL A 45 3.98 5.98 -22.97
C VAL A 45 4.68 6.02 -21.61
N GLY A 46 4.04 6.62 -20.63
CA GLY A 46 4.58 6.58 -19.28
C GLY A 46 5.80 7.47 -19.10
N SER A 47 6.51 7.23 -17.99
CA SER A 47 7.48 8.20 -17.48
C SER A 47 8.77 8.17 -18.27
N TYR A 48 9.17 7.00 -18.79
CA TYR A 48 10.28 6.99 -19.73
C TYR A 48 10.04 7.93 -20.92
N ALA A 49 8.89 7.76 -21.58
CA ALA A 49 8.57 8.51 -22.76
C ALA A 49 8.56 10.00 -22.55
N ARG A 50 8.26 10.44 -21.33
CA ARG A 50 8.17 11.86 -21.02
C ARG A 50 9.32 12.37 -20.19
N ASN A 51 10.33 11.54 -19.95
CA ASN A 51 11.50 11.95 -19.21
C ASN A 51 11.16 12.51 -17.83
N THR A 52 10.22 11.82 -17.17
CA THR A 52 9.76 12.17 -15.82
C THR A 52 10.10 11.11 -14.78
N TRP A 53 10.84 10.08 -15.19
CA TRP A 53 11.03 8.92 -14.34
C TRP A 53 12.09 9.20 -13.29
N LEU A 54 11.87 8.72 -12.08
CA LEU A 54 12.75 9.03 -10.97
C LEU A 54 14.06 8.28 -11.12
N LYS A 55 15.14 8.88 -10.63
CA LYS A 55 16.43 8.19 -10.53
C LYS A 55 16.24 6.80 -9.93
N GLY A 56 16.65 5.79 -10.69
CA GLY A 56 16.64 4.41 -10.22
C GLY A 56 15.39 3.62 -10.61
N SER A 57 14.46 4.24 -11.32
CA SER A 57 13.19 3.58 -11.64
C SER A 57 12.94 3.57 -13.15
N LEU A 58 13.96 3.12 -13.85
CA LEU A 58 13.95 3.03 -15.30
C LEU A 58 13.11 1.83 -15.72
N GLU A 59 12.06 2.11 -16.46
CA GLU A 59 11.13 1.10 -16.98
C GLU A 59 10.46 1.66 -18.23
N ILE A 60 10.34 0.85 -19.27
CA ILE A 60 9.78 1.36 -20.54
C ILE A 60 8.39 0.81 -20.70
N ASP A 61 7.41 1.67 -20.94
CA ASP A 61 6.04 1.21 -21.12
C ASP A 61 5.66 1.36 -22.58
N VAL A 62 5.35 0.25 -23.22
CA VAL A 62 4.89 0.30 -24.58
C VAL A 62 3.45 -0.19 -24.67
N PHE A 63 2.63 0.55 -25.39
CA PHE A 63 1.32 0.08 -25.74
C PHE A 63 1.33 -0.26 -27.23
N LEU A 64 0.94 -1.50 -27.52
CA LEU A 64 0.65 -1.95 -28.88
C LEU A 64 -0.75 -1.45 -29.23
N LEU A 65 -0.89 -0.76 -30.36
CA LEU A 65 -2.13 -0.11 -30.79
C LEU A 65 -2.76 -0.76 -32.01
N PHE A 66 -3.81 -1.55 -31.79
CA PHE A 66 -4.43 -2.33 -32.86
C PHE A 66 -5.77 -1.71 -33.31
N PRO A 67 -6.09 -1.81 -34.60
CA PRO A 67 -7.34 -1.28 -35.14
C PRO A 67 -8.57 -1.71 -34.34
N GLU A 68 -9.61 -0.87 -34.37
CA GLU A 68 -10.78 -1.05 -33.52
C GLU A 68 -11.45 -2.41 -33.66
N GLU A 69 -11.49 -2.96 -34.88
CA GLU A 69 -12.22 -4.20 -35.13
C GLU A 69 -11.35 -5.45 -34.98
N PHE A 70 -10.95 -5.70 -33.74
CA PHE A 70 -10.45 -6.99 -33.28
C PHE A 70 -11.15 -7.26 -31.94
N SER A 71 -11.76 -8.45 -31.80
CA SER A 71 -12.54 -8.78 -30.61
C SER A 71 -11.69 -8.77 -29.33
N LYS A 72 -12.31 -9.08 -28.20
CA LYS A 72 -11.66 -8.97 -26.90
C LYS A 72 -10.44 -9.88 -26.75
N GLU A 73 -10.52 -11.10 -27.28
CA GLU A 73 -9.40 -12.04 -27.24
C GLU A 73 -8.49 -11.91 -28.48
N GLU A 74 -9.00 -11.29 -29.55
CA GLU A 74 -8.16 -10.99 -30.73
C GLU A 74 -7.05 -10.00 -30.38
N LEU A 75 -7.34 -9.11 -29.43
CA LEU A 75 -6.34 -8.16 -28.90
C LEU A 75 -5.46 -8.83 -27.85
N ARG A 76 -6.03 -9.78 -27.12
CA ARG A 76 -5.34 -10.46 -26.02
C ARG A 76 -4.33 -11.48 -26.54
N GLU A 77 -4.68 -12.21 -27.59
CA GLU A 77 -3.83 -13.30 -28.09
C GLU A 77 -2.76 -12.74 -29.03
N ARG A 78 -3.18 -11.86 -29.94
CA ARG A 78 -2.27 -11.21 -30.89
C ARG A 78 -1.32 -10.24 -30.17
N GLY A 79 -1.79 -9.66 -29.07
CA GLY A 79 -0.98 -8.74 -28.28
C GLY A 79 0.14 -9.44 -27.56
N LEU A 80 -0.15 -10.60 -26.98
CA LEU A 80 0.86 -11.38 -26.27
C LEU A 80 1.86 -12.00 -27.25
N GLU A 81 1.44 -12.13 -28.51
CA GLU A 81 2.34 -12.64 -29.57
C GLU A 81 3.56 -11.75 -29.74
N ILE A 82 3.35 -10.43 -29.74
CA ILE A 82 4.44 -9.49 -30.01
C ILE A 82 5.37 -9.29 -28.83
N GLY A 83 4.81 -9.22 -27.62
CA GLY A 83 5.63 -9.15 -26.42
C GLY A 83 6.66 -10.25 -26.31
N LYS A 84 6.27 -11.49 -26.63
CA LYS A 84 7.22 -12.60 -26.62
C LYS A 84 8.30 -12.41 -27.68
N ALA A 85 7.91 -11.88 -28.84
CA ALA A 85 8.81 -11.76 -30.00
C ALA A 85 9.90 -10.72 -29.78
N VAL A 86 9.59 -9.72 -28.98
CA VAL A 86 10.35 -8.49 -28.95
C VAL A 86 11.18 -8.32 -27.67
N LEU A 87 10.90 -9.12 -26.65
CA LEU A 87 11.64 -9.02 -25.39
C LEU A 87 12.64 -10.15 -25.27
N ASP A 88 13.78 -9.85 -24.65
CA ASP A 88 14.84 -10.84 -24.48
C ASP A 88 14.35 -12.00 -23.64
N SER A 89 13.76 -11.66 -22.50
CA SER A 89 13.12 -12.63 -21.61
C SER A 89 11.79 -12.00 -21.20
N TYR A 90 10.82 -12.81 -20.79
CA TYR A 90 9.49 -12.30 -20.44
C TYR A 90 8.69 -13.20 -19.50
N GLU A 91 7.78 -12.57 -18.77
CA GLU A 91 6.73 -13.23 -17.99
C GLU A 91 5.38 -12.76 -18.54
N ILE A 92 4.33 -13.56 -18.34
CA ILE A 92 2.97 -13.10 -18.63
C ILE A 92 2.35 -12.62 -17.33
N ARG A 93 2.42 -11.32 -17.07
CA ARG A 93 1.83 -10.72 -15.87
C ARG A 93 0.32 -10.53 -16.01
N TYR A 94 -0.33 -10.27 -14.88
CA TYR A 94 -1.78 -10.13 -14.83
C TYR A 94 -2.14 -8.86 -14.05
N ALA A 95 -2.41 -7.77 -14.77
CA ALA A 95 -2.88 -6.54 -14.14
C ALA A 95 -4.40 -6.64 -13.89
N GLU A 96 -5.21 -6.21 -14.85
CA GLU A 96 -6.65 -6.48 -14.84
C GLU A 96 -6.95 -7.59 -15.84
N HIS A 97 -6.27 -7.54 -16.98
CA HIS A 97 -6.21 -8.66 -17.92
C HIS A 97 -4.79 -8.82 -18.50
N PRO A 98 -4.47 -10.01 -19.00
CA PRO A 98 -3.09 -10.40 -19.28
C PRO A 98 -2.30 -9.47 -20.21
N TYR A 99 -1.11 -9.08 -19.75
CA TYR A 99 -0.13 -8.39 -20.59
C TYR A 99 1.24 -9.06 -20.47
N VAL A 100 2.22 -8.55 -21.21
CA VAL A 100 3.59 -9.07 -21.15
C VAL A 100 4.51 -8.11 -20.39
N HIS A 101 5.33 -8.63 -19.47
CA HIS A 101 6.49 -7.91 -18.96
C HIS A 101 7.76 -8.73 -19.19
N GLY A 102 8.85 -8.03 -19.51
CA GLY A 102 10.11 -8.64 -19.87
C GLY A 102 11.24 -7.62 -19.86
N VAL A 103 12.37 -7.99 -20.48
CA VAL A 103 13.59 -7.17 -20.42
C VAL A 103 14.17 -6.94 -21.85
N VAL A 104 14.76 -5.78 -22.11
CA VAL A 104 15.51 -5.55 -23.33
C VAL A 104 16.81 -4.79 -23.04
N LYS A 105 17.94 -5.44 -23.28
CA LYS A 105 19.27 -4.86 -23.02
C LYS A 105 19.35 -4.32 -21.59
N GLY A 106 18.94 -5.14 -20.62
CA GLY A 106 19.08 -4.83 -19.21
C GLY A 106 17.98 -3.96 -18.63
N VAL A 107 16.96 -3.62 -19.43
CA VAL A 107 15.95 -2.65 -19.00
C VAL A 107 14.56 -3.27 -18.94
N GLU A 108 13.85 -3.01 -17.84
CA GLU A 108 12.47 -3.49 -17.64
C GLU A 108 11.54 -2.81 -18.68
N VAL A 109 10.64 -3.59 -19.27
CA VAL A 109 9.69 -3.14 -20.29
C VAL A 109 8.35 -3.81 -20.02
N ASP A 110 7.26 -3.06 -20.21
CA ASP A 110 5.92 -3.63 -20.21
C ASP A 110 5.32 -3.36 -21.57
N VAL A 111 4.74 -4.40 -22.16
CA VAL A 111 4.00 -4.33 -23.39
C VAL A 111 2.55 -4.68 -23.10
N VAL A 112 1.64 -3.78 -23.47
CA VAL A 112 0.22 -3.92 -23.21
C VAL A 112 -0.57 -3.82 -24.52
N PRO A 113 -1.45 -4.77 -24.81
CA PRO A 113 -2.37 -4.64 -25.95
C PRO A 113 -3.55 -3.71 -25.66
N CYS A 114 -3.78 -2.74 -26.54
CA CYS A 114 -4.95 -1.86 -26.42
C CYS A 114 -5.49 -1.38 -27.78
N TYR A 115 -6.73 -0.92 -27.78
CA TYR A 115 -7.36 -0.35 -28.97
C TYR A 115 -6.72 0.98 -29.38
N LYS A 116 -6.63 1.19 -30.71
CA LYS A 116 -6.26 2.47 -31.30
C LYS A 116 -7.54 3.26 -31.50
N LEU A 117 -7.87 4.09 -30.51
CA LEU A 117 -9.13 4.83 -30.51
C LEU A 117 -8.91 6.30 -30.87
N LYS A 118 -9.54 6.73 -31.95
CA LYS A 118 -9.53 8.14 -32.37
C LYS A 118 -10.49 8.91 -31.46
N GLU A 119 -9.95 9.63 -30.49
CA GLU A 119 -10.73 10.28 -29.43
C GLU A 119 -11.17 9.22 -28.41
N PRO A 120 -11.28 9.58 -27.13
CA PRO A 120 -11.74 8.62 -26.10
C PRO A 120 -13.26 8.35 -26.19
N LYS A 121 -14.06 8.69 -25.18
CA LYS A 121 -15.49 8.31 -25.17
C LYS A 121 -15.71 6.84 -25.57
N ASN A 122 -14.73 6.00 -25.25
CA ASN A 122 -14.74 4.60 -25.64
C ASN A 122 -13.73 3.88 -24.74
N ILE A 123 -14.21 3.44 -23.58
CA ILE A 123 -13.35 2.96 -22.50
C ILE A 123 -14.01 1.78 -21.78
N LYS A 124 -13.34 0.62 -21.82
CA LYS A 124 -13.80 -0.57 -21.12
C LYS A 124 -13.12 -0.69 -19.75
N SER A 125 -11.80 -0.50 -19.72
CA SER A 125 -11.02 -0.54 -18.47
C SER A 125 -9.88 0.49 -18.48
N ALA A 126 -8.97 0.35 -17.51
CA ALA A 126 -7.78 1.23 -17.37
C ALA A 126 -6.90 1.29 -18.62
N VAL A 127 -6.69 0.12 -19.23
CA VAL A 127 -5.81 -0.04 -20.38
C VAL A 127 -6.12 1.01 -21.46
N ASP A 128 -7.39 1.19 -21.81
CA ASP A 128 -7.80 2.02 -22.96
C ASP A 128 -7.71 3.54 -22.72
N ARG A 129 -7.55 3.94 -21.45
CA ARG A 129 -7.30 5.34 -21.06
C ARG A 129 -5.85 5.74 -21.27
N THR A 130 -4.95 4.80 -20.99
CA THR A 130 -3.53 5.06 -20.88
C THR A 130 -2.88 5.80 -22.05
N PRO A 131 -3.22 5.44 -23.29
CA PRO A 131 -2.70 6.19 -24.43
C PRO A 131 -3.18 7.63 -24.30
N PHE A 132 -4.43 7.79 -23.88
CA PHE A 132 -4.98 9.12 -23.64
C PHE A 132 -4.31 9.83 -22.48
N HIS A 133 -3.83 9.12 -21.45
CA HIS A 133 -3.11 9.77 -20.33
C HIS A 133 -1.86 10.45 -20.86
N HIS A 134 -1.06 9.70 -21.61
CA HIS A 134 0.15 10.20 -22.25
C HIS A 134 -0.21 11.34 -23.16
N LYS A 135 -1.17 11.12 -24.05
CA LYS A 135 -1.63 12.19 -24.93
C LYS A 135 -1.94 13.48 -24.17
N TRP A 136 -2.67 13.36 -23.07
CA TRP A 136 -3.04 14.54 -22.28
C TRP A 136 -1.85 15.27 -21.67
N LEU A 137 -0.90 14.50 -21.15
CA LEU A 137 0.28 15.05 -20.49
C LEU A 137 1.38 15.51 -21.43
N GLU A 138 1.47 14.89 -22.59
CA GLU A 138 2.60 15.10 -23.48
C GLU A 138 2.59 16.59 -23.81
N GLY A 139 3.65 17.30 -23.45
CA GLY A 139 3.66 18.74 -23.72
C GLY A 139 2.85 19.69 -22.82
N ARG A 140 1.97 19.19 -21.96
CA ARG A 140 1.57 20.00 -20.80
C ARG A 140 2.65 19.88 -19.75
N ILE A 141 3.37 18.77 -19.76
CA ILE A 141 4.43 18.54 -18.81
C ILE A 141 5.79 18.97 -19.33
N LYS A 142 5.90 19.33 -20.61
CA LYS A 142 7.18 19.77 -21.15
C LYS A 142 7.66 21.01 -20.41
N GLY A 143 8.95 21.05 -20.10
CA GLY A 143 9.53 22.05 -19.19
C GLY A 143 9.44 21.74 -17.69
N LYS A 144 8.41 21.00 -17.28
CA LYS A 144 8.15 20.75 -15.86
C LYS A 144 8.60 19.36 -15.44
N GLU A 145 9.55 18.79 -16.18
CA GLU A 145 9.89 17.39 -16.02
C GLU A 145 10.57 17.21 -14.66
N ASN A 146 11.47 18.14 -14.31
CA ASN A 146 12.20 18.03 -13.05
C ASN A 146 11.36 18.35 -11.83
N GLU A 147 10.31 19.13 -12.02
CA GLU A 147 9.30 19.36 -10.99
C GLU A 147 8.63 18.04 -10.61
N VAL A 148 8.32 17.23 -11.62
CA VAL A 148 7.77 15.90 -11.38
C VAL A 148 8.75 15.04 -10.60
N ARG A 149 10.02 15.07 -10.98
CA ARG A 149 10.99 14.21 -10.33
C ARG A 149 11.24 14.66 -8.91
N LEU A 150 11.16 15.96 -8.68
CA LEU A 150 11.24 16.49 -7.33
C LEU A 150 10.10 15.94 -6.48
N LEU A 151 8.89 15.99 -7.00
CA LEU A 151 7.74 15.47 -6.27
C LEU A 151 7.83 13.97 -6.05
N LYS A 152 8.20 13.21 -7.06
CA LYS A 152 8.35 11.77 -6.91
C LYS A 152 9.37 11.46 -5.85
N GLY A 153 10.47 12.22 -5.88
CA GLY A 153 11.58 12.01 -4.96
C GLY A 153 11.25 12.35 -3.51
N PHE A 154 10.55 13.45 -3.32
CA PHE A 154 9.97 13.78 -2.03
C PHE A 154 9.10 12.64 -1.49
N LEU A 155 8.17 12.18 -2.28
CA LEU A 155 7.26 11.11 -1.86
C LEU A 155 8.01 9.80 -1.60
N LYS A 156 8.92 9.44 -2.49
CA LYS A 156 9.72 8.22 -2.31
C LYS A 156 10.58 8.22 -1.07
N ALA A 157 11.22 9.35 -0.76
CA ALA A 157 12.07 9.44 0.41
C ALA A 157 11.25 9.21 1.67
N ASN A 158 9.96 9.52 1.57
CA ASN A 158 9.04 9.48 2.69
C ASN A 158 8.08 8.29 2.65
N GLY A 159 8.35 7.35 1.77
CA GLY A 159 7.73 6.04 1.78
C GLY A 159 6.35 6.04 1.18
N ILE A 160 5.99 7.11 0.46
CA ILE A 160 4.62 7.19 -0.08
C ILE A 160 4.55 7.37 -1.59
N TYR A 161 5.57 6.92 -2.30
CA TYR A 161 5.51 6.92 -3.76
C TYR A 161 5.12 5.54 -4.25
N GLY A 162 4.07 5.49 -5.05
CA GLY A 162 3.58 4.26 -5.63
C GLY A 162 2.19 3.94 -5.12
N ALA A 163 1.33 3.51 -6.03
CA ALA A 163 -0.04 3.16 -5.75
C ALA A 163 -0.26 1.68 -5.50
N GLU A 164 0.79 0.85 -5.54
CA GLU A 164 0.64 -0.57 -5.26
C GLU A 164 0.23 -0.71 -3.80
N TYR A 165 -0.38 -1.83 -3.46
CA TYR A 165 -0.95 -1.96 -2.13
C TYR A 165 0.03 -1.98 -0.96
N LYS A 166 1.25 -2.45 -1.19
CA LYS A 166 2.29 -2.36 -0.18
C LYS A 166 2.51 -0.92 0.26
N VAL A 167 2.20 0.06 -0.60
CA VAL A 167 2.51 1.43 -0.34
C VAL A 167 1.26 2.33 -0.11
N ARG A 168 0.23 2.18 -0.95
CA ARG A 168 -1.00 2.99 -0.91
C ARG A 168 -0.69 4.48 -0.90
N GLY A 169 0.23 4.84 -1.77
CA GLY A 169 0.70 6.21 -1.92
C GLY A 169 0.29 6.81 -3.23
N PHE A 170 1.17 7.63 -3.79
CA PHE A 170 0.88 8.42 -5.00
C PHE A 170 1.46 7.73 -6.26
N SER A 171 0.66 7.61 -7.32
CA SER A 171 1.14 7.04 -8.57
C SER A 171 1.88 8.12 -9.38
N GLY A 172 2.54 7.69 -10.43
CA GLY A 172 3.28 8.61 -11.31
C GLY A 172 2.32 9.54 -12.03
N TYR A 173 1.22 8.99 -12.54
CA TYR A 173 0.24 9.78 -13.25
C TYR A 173 -0.31 10.83 -12.32
N LEU A 174 -0.55 10.49 -11.06
CA LEU A 174 -1.08 11.47 -10.13
C LEU A 174 -0.06 12.60 -9.91
N CYS A 175 1.22 12.25 -9.80
CA CYS A 175 2.28 13.25 -9.62
C CYS A 175 2.36 14.24 -10.80
N GLU A 176 2.17 13.77 -12.03
CA GLU A 176 2.24 14.63 -13.20
C GLU A 176 1.01 15.50 -13.31
N LEU A 177 -0.15 14.94 -13.00
CA LEU A 177 -1.35 15.77 -12.92
C LEU A 177 -1.20 16.93 -11.93
N LEU A 178 -0.66 16.65 -10.74
CA LEU A 178 -0.47 17.66 -9.71
C LEU A 178 0.47 18.80 -10.18
N ILE A 179 1.54 18.42 -10.87
CA ILE A 179 2.48 19.37 -11.38
C ILE A 179 1.82 20.22 -12.46
N VAL A 180 0.99 19.64 -13.30
CA VAL A 180 0.27 20.43 -14.30
C VAL A 180 -0.65 21.40 -13.60
N PHE A 181 -1.37 20.91 -12.58
CA PHE A 181 -2.36 21.73 -11.90
C PHE A 181 -1.74 22.91 -11.12
N TYR A 182 -0.63 22.68 -10.40
CA TYR A 182 -0.03 23.75 -9.57
C TYR A 182 1.19 24.43 -10.18
N GLY A 183 1.79 23.79 -11.19
CA GLY A 183 2.85 24.40 -11.97
C GLY A 183 4.27 24.00 -11.56
N SER A 184 4.42 23.57 -10.31
CA SER A 184 5.74 23.25 -9.77
C SER A 184 5.65 22.36 -8.53
N PHE A 185 6.77 21.76 -8.17
CA PHE A 185 6.85 21.04 -6.93
C PHE A 185 6.49 21.91 -5.75
N LEU A 186 7.14 23.07 -5.69
CA LEU A 186 7.00 23.99 -4.57
C LEU A 186 5.55 24.44 -4.36
N GLU A 187 4.87 24.81 -5.45
CA GLU A 187 3.47 25.20 -5.38
C GLU A 187 2.56 24.05 -5.00
N THR A 188 2.90 22.82 -5.44
CA THR A 188 2.15 21.64 -5.05
C THR A 188 2.27 21.51 -3.53
N VAL A 189 3.49 21.59 -3.04
CA VAL A 189 3.72 21.49 -1.61
C VAL A 189 3.03 22.60 -0.80
N LYS A 190 3.10 23.86 -1.25
CA LYS A 190 2.42 24.96 -0.56
C LYS A 190 0.87 24.79 -0.47
N ASN A 191 0.28 24.27 -1.53
CA ASN A 191 -1.16 24.16 -1.59
C ASN A 191 -1.68 22.92 -0.91
N ALA A 192 -0.86 21.86 -0.87
CA ALA A 192 -1.25 20.60 -0.21
C ALA A 192 -1.32 20.75 1.29
N ARG A 193 -0.66 21.78 1.84
CA ARG A 193 -0.84 22.12 3.26
C ARG A 193 -2.31 22.34 3.67
N ARG A 194 -3.17 22.69 2.71
CA ARG A 194 -4.57 22.95 2.98
C ARG A 194 -5.50 21.89 2.40
N TRP A 195 -4.96 20.80 1.87
CA TRP A 195 -5.81 19.70 1.44
C TRP A 195 -6.52 19.10 2.65
N THR A 196 -7.71 18.58 2.40
CA THR A 196 -8.47 17.86 3.42
C THR A 196 -8.89 16.54 2.82
N ARG A 197 -9.49 15.68 3.65
CA ARG A 197 -9.94 14.38 3.16
C ARG A 197 -11.18 14.53 2.28
N ARG A 198 -11.68 15.75 2.11
CA ARG A 198 -12.80 16.04 1.23
C ARG A 198 -12.40 16.87 -0.01
N THR A 199 -11.12 17.06 -0.19
CA THR A 199 -10.62 17.86 -1.31
C THR A 199 -10.77 17.11 -2.64
N VAL A 200 -11.35 17.79 -3.61
CA VAL A 200 -11.51 17.31 -4.97
C VAL A 200 -10.73 18.23 -5.86
N ILE A 201 -9.70 17.69 -6.51
CA ILE A 201 -8.90 18.42 -7.48
C ILE A 201 -9.33 17.99 -8.88
N ASP A 202 -9.92 18.92 -9.62
CA ASP A 202 -10.45 18.65 -10.95
C ASP A 202 -9.61 19.35 -12.00
N VAL A 203 -8.66 18.58 -12.50
CA VAL A 203 -7.53 19.05 -13.27
C VAL A 203 -8.01 19.74 -14.54
N ALA A 204 -8.96 19.10 -15.23
CA ALA A 204 -9.45 19.57 -16.52
C ALA A 204 -10.30 20.83 -16.39
N LYS A 205 -10.91 21.01 -15.24
CA LYS A 205 -11.69 22.20 -14.96
C LYS A 205 -10.85 23.28 -14.27
N GLY A 206 -9.58 23.03 -13.96
CA GLY A 206 -8.76 24.03 -13.26
C GLY A 206 -9.32 24.43 -11.92
N GLU A 207 -9.96 23.46 -11.27
CA GLU A 207 -10.80 23.70 -10.10
C GLU A 207 -10.46 22.79 -8.95
N VAL A 208 -10.58 23.36 -7.75
CA VAL A 208 -10.55 22.62 -6.51
C VAL A 208 -11.86 22.88 -5.78
N ARG A 209 -12.46 21.83 -5.25
CA ARG A 209 -13.74 21.97 -4.56
C ARG A 209 -13.85 20.92 -3.47
N LYS A 210 -15.00 20.86 -2.80
CA LYS A 210 -15.22 19.87 -1.76
C LYS A 210 -16.06 18.75 -2.30
N GLY A 211 -15.78 17.52 -1.85
CA GLY A 211 -16.63 16.38 -2.17
C GLY A 211 -16.75 15.43 -1.00
N GLU A 212 -17.05 14.18 -1.26
CA GLU A 212 -17.26 13.22 -0.19
C GLU A 212 -15.94 12.60 0.26
N GLU A 213 -14.98 12.50 -0.67
CA GLU A 213 -13.65 11.95 -0.39
C GLU A 213 -12.57 12.64 -1.20
N PHE A 214 -11.33 12.37 -0.88
CA PHE A 214 -10.23 12.94 -1.65
C PHE A 214 -10.35 12.36 -3.05
N PHE A 215 -10.42 13.21 -4.05
CA PHE A 215 -10.69 12.75 -5.40
C PHE A 215 -9.89 13.65 -6.37
N VAL A 216 -9.01 13.06 -7.17
CA VAL A 216 -8.30 13.76 -8.24
C VAL A 216 -8.88 13.29 -9.60
N VAL A 217 -9.60 14.18 -10.26
CA VAL A 217 -10.44 13.82 -11.41
C VAL A 217 -9.51 13.61 -12.60
N ASP A 218 -9.51 12.40 -13.16
CA ASP A 218 -8.71 12.12 -14.36
C ASP A 218 -9.18 13.09 -15.48
N PRO A 219 -8.31 13.92 -16.04
CA PRO A 219 -8.73 14.80 -17.14
C PRO A 219 -9.23 14.04 -18.36
N VAL A 220 -8.97 12.75 -18.40
CA VAL A 220 -9.27 11.92 -19.55
C VAL A 220 -10.61 11.14 -19.33
N ASP A 221 -11.10 11.14 -18.10
CA ASP A 221 -12.29 10.35 -17.68
C ASP A 221 -12.78 10.83 -16.31
N GLU A 222 -13.86 11.63 -16.29
CA GLU A 222 -14.29 12.30 -15.07
C GLU A 222 -14.70 11.38 -13.92
N LYS A 223 -15.09 10.14 -14.21
CA LYS A 223 -15.43 9.15 -13.19
C LYS A 223 -14.25 8.54 -12.46
N ARG A 224 -13.05 8.73 -12.98
CA ARG A 224 -11.86 8.05 -12.42
C ARG A 224 -11.13 8.92 -11.39
N ASN A 225 -10.99 8.39 -10.19
CA ASN A 225 -10.21 9.06 -9.16
C ASN A 225 -8.78 8.56 -9.33
N VAL A 226 -7.93 9.42 -9.89
CA VAL A 226 -6.52 9.09 -10.02
C VAL A 226 -5.88 8.76 -8.69
N ALA A 227 -6.44 9.31 -7.62
CA ALA A 227 -5.87 9.05 -6.31
C ALA A 227 -6.61 7.93 -5.57
N ALA A 228 -7.26 7.03 -6.29
CA ALA A 228 -8.11 6.00 -5.65
C ALA A 228 -7.36 5.15 -4.64
N ASN A 229 -6.08 4.88 -4.88
CA ASN A 229 -5.32 3.96 -4.03
C ASN A 229 -4.54 4.73 -2.96
N LEU A 230 -4.62 6.05 -2.94
CA LEU A 230 -3.95 6.81 -1.87
C LEU A 230 -4.68 6.63 -0.53
N SER A 231 -4.06 6.09 0.53
CA SER A 231 -4.79 5.87 1.77
C SER A 231 -5.05 7.22 2.48
N LEU A 232 -6.08 7.26 3.33
CA LEU A 232 -6.32 8.40 4.19
C LEU A 232 -5.07 8.74 4.99
N ASP A 233 -4.41 7.72 5.55
CA ASP A 233 -3.26 8.04 6.38
C ASP A 233 -2.05 8.55 5.59
N ASN A 234 -1.87 8.07 4.37
CA ASN A 234 -0.77 8.61 3.54
C ASN A 234 -1.05 9.99 3.03
N LEU A 235 -2.32 10.30 2.79
CA LEU A 235 -2.72 11.66 2.49
C LEU A 235 -2.39 12.54 3.70
N ALA A 236 -2.80 12.12 4.89
CA ALA A 236 -2.52 12.88 6.12
C ALA A 236 -1.03 13.11 6.23
N ARG A 237 -0.25 12.07 6.00
CA ARG A 237 1.19 12.15 6.25
C ARG A 237 1.77 13.15 5.25
N PHE A 238 1.25 13.16 4.02
CA PHE A 238 1.77 14.05 3.01
C PHE A 238 1.45 15.50 3.33
N VAL A 239 0.26 15.74 3.79
CA VAL A 239 -0.15 17.08 4.12
C VAL A 239 0.75 17.62 5.24
N HIS A 240 1.04 16.79 6.20
CA HIS A 240 1.88 17.17 7.32
C HIS A 240 3.32 17.39 6.89
N LEU A 241 3.83 16.51 6.02
CA LEU A 241 5.18 16.68 5.47
C LEU A 241 5.33 17.99 4.71
N CYS A 242 4.30 18.37 3.96
CA CYS A 242 4.30 19.61 3.21
C CYS A 242 4.37 20.81 4.17
N ARG A 243 3.64 20.74 5.29
CA ARG A 243 3.65 21.80 6.29
C ARG A 243 5.03 21.89 6.96
N GLU A 244 5.61 20.75 7.27
CA GLU A 244 6.92 20.71 7.92
C GLU A 244 8.00 21.21 6.99
N PHE A 245 7.94 20.79 5.72
CA PHE A 245 8.93 21.23 4.72
C PHE A 245 8.96 22.74 4.58
N MET A 246 7.78 23.35 4.45
CA MET A 246 7.70 24.79 4.25
C MET A 246 8.14 25.56 5.50
N GLU A 247 7.97 24.99 6.69
CA GLU A 247 8.35 25.65 7.94
C GLU A 247 9.86 25.60 8.16
N ALA A 248 10.53 24.55 7.68
CA ALA A 248 11.98 24.41 7.82
C ALA A 248 12.49 23.48 6.70
N PRO A 249 12.68 24.03 5.51
CA PRO A 249 13.05 23.20 4.37
C PRO A 249 14.47 22.62 4.55
N SER A 250 14.68 21.43 4.01
CA SER A 250 15.90 20.68 4.16
C SER A 250 16.03 19.63 3.08
N LEU A 251 17.28 19.32 2.77
CA LEU A 251 17.62 18.26 1.86
C LEU A 251 17.18 16.91 2.44
N GLY A 252 17.10 16.84 3.77
CA GLY A 252 16.68 15.64 4.46
C GLY A 252 15.37 15.02 3.98
N PHE A 253 14.45 15.86 3.47
CA PHE A 253 13.15 15.41 3.01
C PHE A 253 13.21 14.63 1.70
N PHE A 254 14.37 14.68 1.02
CA PHE A 254 14.56 13.94 -0.23
C PHE A 254 15.48 12.73 -0.04
N LYS A 255 15.92 12.47 1.19
CA LYS A 255 16.81 11.35 1.50
C LYS A 255 16.05 10.35 2.36
N PRO A 256 16.05 9.08 2.00
CA PRO A 256 15.35 8.09 2.84
C PRO A 256 16.00 8.00 4.22
N LYS A 257 15.20 7.83 5.26
CA LYS A 257 15.72 7.61 6.60
C LYS A 257 16.48 6.27 6.61
N HIS A 258 17.73 6.29 7.10
CA HIS A 258 18.45 5.06 7.37
C HIS A 258 17.86 4.48 8.67
N PRO A 259 17.36 3.25 8.61
CA PRO A 259 16.52 2.70 9.68
C PRO A 259 17.20 2.63 11.06
N LEU A 260 16.38 2.51 12.10
CA LEU A 260 16.83 2.67 13.49
C LEU A 260 17.90 1.68 13.95
N GLU A 261 17.90 0.47 13.38
CA GLU A 261 18.89 -0.59 13.68
C GLU A 261 19.24 -0.73 15.19
N ILE A 262 18.21 -0.99 15.99
CA ILE A 262 18.33 -1.04 17.45
C ILE A 262 18.78 -2.43 17.93
N GLU A 263 19.41 -2.45 19.11
CA GLU A 263 19.89 -3.69 19.69
C GLU A 263 18.79 -4.28 20.53
N PRO A 264 18.66 -5.60 20.54
CA PRO A 264 17.63 -6.30 21.33
C PRO A 264 17.52 -5.81 22.78
N GLU A 265 18.66 -5.54 23.41
CA GLU A 265 18.69 -5.08 24.79
C GLU A 265 17.90 -3.76 24.96
N ARG A 266 18.07 -2.81 24.04
CA ARG A 266 17.35 -1.55 24.12
C ARG A 266 15.84 -1.72 23.93
N LEU A 267 15.46 -2.64 23.04
CA LEU A 267 14.06 -2.99 22.81
C LEU A 267 13.46 -3.68 24.03
N ARG A 268 14.24 -4.54 24.67
CA ARG A 268 13.79 -5.21 25.88
C ARG A 268 13.43 -4.21 26.96
N LYS A 269 14.30 -3.22 27.16
CA LYS A 269 14.09 -2.10 28.10
C LYS A 269 12.94 -1.16 27.77
N ILE A 270 12.75 -0.91 26.47
CA ILE A 270 11.61 -0.10 26.04
C ILE A 270 10.33 -0.84 26.37
N VAL A 271 10.26 -2.10 26.01
CA VAL A 271 9.09 -2.90 26.30
C VAL A 271 8.79 -2.98 27.80
N GLU A 272 9.84 -3.11 28.59
CA GLU A 272 9.74 -3.06 30.04
C GLU A 272 9.13 -1.79 30.57
N GLU A 273 9.69 -0.65 30.16
CA GLU A 273 9.19 0.68 30.54
C GLU A 273 7.70 0.92 30.08
N ARG A 274 7.29 0.42 28.93
CA ARG A 274 5.92 0.58 28.46
C ARG A 274 4.95 -0.31 29.24
N GLY A 275 5.46 -1.45 29.71
CA GLY A 275 4.72 -2.42 30.51
C GLY A 275 3.69 -3.20 29.73
N THR A 276 3.87 -3.28 28.40
CA THR A 276 2.95 -3.98 27.50
C THR A 276 3.32 -5.44 27.23
N ALA A 277 2.42 -6.12 26.59
CA ALA A 277 2.69 -7.40 25.97
C ALA A 277 2.91 -7.14 24.51
N VAL A 278 4.07 -7.55 24.03
CA VAL A 278 4.45 -7.43 22.62
C VAL A 278 4.69 -8.82 22.10
N PHE A 279 4.05 -9.17 21.00
CA PHE A 279 4.18 -10.51 20.44
C PHE A 279 3.83 -10.52 18.95
N ALA A 280 4.16 -11.62 18.30
CA ALA A 280 3.86 -11.80 16.89
C ALA A 280 3.34 -13.19 16.57
N VAL A 281 2.47 -13.23 15.56
CA VAL A 281 2.08 -14.42 14.85
C VAL A 281 3.03 -14.63 13.67
N LYS A 282 3.79 -15.74 13.69
CA LYS A 282 4.72 -16.13 12.61
C LYS A 282 4.15 -17.27 11.78
N PHE A 283 4.20 -17.18 10.45
CA PHE A 283 3.71 -18.22 9.57
C PHE A 283 4.39 -18.10 8.21
N ARG A 284 4.34 -19.17 7.44
CA ARG A 284 4.93 -19.16 6.09
C ARG A 284 4.19 -18.27 5.11
N LYS A 285 4.99 -17.50 4.36
CA LYS A 285 4.49 -16.56 3.36
C LYS A 285 3.93 -17.37 2.22
N PRO A 286 2.66 -17.18 1.88
CA PRO A 286 2.12 -17.85 0.69
C PRO A 286 2.73 -17.23 -0.57
N ASP A 287 2.76 -18.03 -1.63
CA ASP A 287 3.41 -17.66 -2.87
C ASP A 287 2.36 -16.92 -3.73
N ILE A 288 2.11 -15.68 -3.38
CA ILE A 288 1.17 -14.86 -4.15
C ILE A 288 1.77 -13.47 -4.28
N VAL A 289 1.27 -12.68 -5.23
CA VAL A 289 1.88 -11.39 -5.51
C VAL A 289 1.59 -10.41 -4.38
N ASP A 290 2.42 -9.37 -4.28
CA ASP A 290 2.28 -8.36 -3.24
C ASP A 290 0.88 -7.73 -3.17
N ASP A 291 0.26 -7.49 -4.32
CA ASP A 291 -1.03 -6.76 -4.36
C ASP A 291 -2.14 -7.68 -3.80
N ASN A 292 -1.89 -8.99 -3.77
CA ASN A 292 -2.79 -9.96 -3.15
C ASN A 292 -2.42 -10.21 -1.68
N LEU A 293 -1.11 -10.35 -1.43
CA LEU A 293 -0.63 -10.62 -0.09
C LEU A 293 -0.94 -9.50 0.92
N TYR A 294 -0.64 -8.27 0.57
CA TYR A 294 -0.67 -7.18 1.57
C TYR A 294 -2.07 -6.88 2.05
N PRO A 295 -3.08 -6.83 1.16
CA PRO A 295 -4.47 -6.75 1.64
C PRO A 295 -4.86 -7.92 2.59
N GLN A 296 -4.33 -9.11 2.36
CA GLN A 296 -4.63 -10.21 3.26
C GLN A 296 -3.95 -10.01 4.62
N LEU A 297 -2.71 -9.51 4.60
CA LEU A 297 -2.01 -9.33 5.87
C LEU A 297 -2.72 -8.25 6.66
N GLU A 298 -3.25 -7.26 5.95
CA GLU A 298 -3.93 -6.18 6.59
C GLU A 298 -5.17 -6.72 7.26
N ARG A 299 -5.90 -7.58 6.55
CA ARG A 299 -7.15 -8.11 7.03
C ARG A 299 -6.88 -9.04 8.21
N ALA A 300 -5.85 -9.89 8.12
CA ALA A 300 -5.55 -10.85 9.18
C ALA A 300 -5.23 -10.10 10.48
N SER A 301 -4.38 -9.11 10.34
CA SER A 301 -3.95 -8.33 11.45
C SER A 301 -5.13 -7.52 12.06
N ARG A 302 -6.01 -7.00 11.24
CA ARG A 302 -7.21 -6.35 11.76
C ARG A 302 -8.11 -7.32 12.53
N LYS A 303 -8.28 -8.52 12.02
CA LYS A 303 -9.23 -9.43 12.60
C LYS A 303 -8.68 -9.84 13.96
N ILE A 304 -7.38 -10.03 14.04
CA ILE A 304 -6.73 -10.38 15.34
C ILE A 304 -6.79 -9.21 16.30
N PHE A 305 -6.56 -8.01 15.76
CA PHE A 305 -6.69 -6.76 16.54
C PHE A 305 -8.08 -6.66 17.13
N GLU A 306 -9.09 -6.85 16.29
CA GLU A 306 -10.47 -6.81 16.73
C GLU A 306 -10.82 -7.85 17.74
N PHE A 307 -10.24 -9.04 17.60
CA PHE A 307 -10.40 -10.11 18.59
C PHE A 307 -9.79 -9.66 19.94
N LEU A 308 -8.61 -9.07 19.89
CA LEU A 308 -7.94 -8.60 21.11
C LEU A 308 -8.74 -7.51 21.82
N GLU A 309 -9.34 -6.60 21.06
CA GLU A 309 -10.18 -5.58 21.64
C GLU A 309 -11.39 -6.13 22.33
N ARG A 310 -12.09 -7.01 21.61
CA ARG A 310 -13.26 -7.72 22.07
C ARG A 310 -13.02 -8.52 23.35
N GLU A 311 -11.84 -9.11 23.45
CA GLU A 311 -11.48 -9.93 24.60
C GLU A 311 -10.84 -9.12 25.70
N ASN A 312 -10.89 -7.79 25.58
CA ASN A 312 -10.46 -6.88 26.65
C ASN A 312 -8.94 -6.91 26.96
N PHE A 313 -8.12 -7.18 25.95
CA PHE A 313 -6.67 -7.08 26.10
C PHE A 313 -6.16 -5.70 25.67
N MET A 314 -7.02 -4.86 25.14
CA MET A 314 -6.67 -3.44 24.91
C MET A 314 -5.45 -3.25 24.05
N PRO A 315 -5.55 -3.71 22.81
CA PRO A 315 -4.46 -3.59 21.86
C PRO A 315 -4.18 -2.12 21.62
N LEU A 316 -2.91 -1.76 21.51
CA LEU A 316 -2.50 -0.37 21.23
C LEU A 316 -2.33 -0.20 19.76
N ARG A 317 -1.51 -1.04 19.16
CA ARG A 317 -1.32 -0.94 17.73
C ARG A 317 -0.91 -2.29 17.19
N SER A 318 -0.93 -2.40 15.87
CA SER A 318 -0.49 -3.59 15.20
C SER A 318 0.33 -3.22 13.97
N ALA A 319 1.08 -4.19 13.47
CA ALA A 319 1.88 -3.96 12.26
C ALA A 319 2.06 -5.32 11.60
N PHE A 320 2.66 -5.35 10.42
CA PHE A 320 2.90 -6.63 9.78
C PHE A 320 4.09 -6.49 8.87
N LYS A 321 4.72 -7.64 8.57
CA LYS A 321 5.95 -7.71 7.78
C LYS A 321 5.95 -9.04 6.99
N ALA A 322 6.39 -8.99 5.75
CA ALA A 322 6.66 -10.20 4.99
C ALA A 322 8.16 -10.20 4.71
N SER A 323 8.86 -11.25 5.09
CA SER A 323 10.21 -11.46 4.62
C SER A 323 10.07 -12.38 3.38
N GLU A 324 11.13 -13.11 3.06
CA GLU A 324 11.13 -13.94 1.85
C GLU A 324 10.39 -15.21 2.12
N GLU A 325 10.60 -15.80 3.29
CA GLU A 325 9.93 -17.05 3.60
C GLU A 325 8.82 -17.00 4.69
N PHE A 326 8.79 -15.99 5.55
CA PHE A 326 7.78 -15.88 6.61
C PHE A 326 7.04 -14.55 6.63
N CYS A 327 5.85 -14.58 7.21
CA CYS A 327 5.11 -13.36 7.52
C CYS A 327 4.94 -13.25 9.03
N TYR A 328 4.79 -12.01 9.46
CA TYR A 328 4.64 -11.70 10.88
C TYR A 328 3.52 -10.66 11.07
N LEU A 329 2.65 -10.92 12.02
CA LEU A 329 1.60 -10.01 12.44
C LEU A 329 1.98 -9.66 13.86
N LEU A 330 2.32 -8.40 14.08
CA LEU A 330 2.86 -7.89 15.32
C LEU A 330 1.80 -7.15 16.11
N PHE A 331 1.80 -7.33 17.43
CA PHE A 331 0.78 -6.70 18.27
C PHE A 331 1.42 -6.20 19.54
N GLU A 332 0.91 -5.08 20.06
CA GLU A 332 1.25 -4.62 21.41
C GLU A 332 -0.05 -4.40 22.18
N CYS A 333 -0.16 -4.96 23.39
CA CYS A 333 -1.40 -4.87 24.18
C CYS A 333 -1.13 -4.26 25.56
N GLN A 334 -2.11 -3.52 26.07
CA GLN A 334 -1.98 -2.90 27.39
C GLN A 334 -2.20 -3.91 28.56
N ILE A 335 -2.87 -5.00 28.26
CA ILE A 335 -3.14 -6.02 29.26
C ILE A 335 -2.32 -7.23 28.99
N LYS A 336 -1.49 -7.57 29.93
CA LYS A 336 -0.65 -8.77 29.87
C LYS A 336 -1.38 -9.97 30.43
N GLU A 337 -2.24 -9.72 31.45
CA GLU A 337 -2.99 -10.79 32.09
C GLU A 337 -4.35 -10.25 32.57
N ILE A 338 -5.42 -10.97 32.27
CA ILE A 338 -6.77 -10.64 32.73
C ILE A 338 -7.21 -11.77 33.67
N SER A 339 -8.15 -11.47 34.54
CA SER A 339 -8.67 -12.45 35.50
C SER A 339 -9.25 -13.65 34.77
N ARG A 340 -9.23 -14.78 35.42
CA ARG A 340 -9.90 -15.98 35.01
C ARG A 340 -11.44 -15.79 34.96
N VAL A 341 -11.99 -15.12 35.97
CA VAL A 341 -13.44 -14.90 36.05
C VAL A 341 -13.88 -13.70 35.23
N PHE A 342 -15.04 -13.87 34.59
CA PHE A 342 -15.73 -12.80 33.88
C PHE A 342 -17.26 -12.89 34.09
N ARG A 343 -17.93 -11.86 33.62
CA ARG A 343 -19.39 -11.75 33.68
C ARG A 343 -20.02 -12.09 32.36
N ARG A 344 -20.89 -13.09 32.40
CA ARG A 344 -21.73 -13.51 31.28
C ARG A 344 -23.15 -12.93 31.44
N MET A 345 -23.67 -12.36 30.37
CA MET A 345 -24.97 -11.74 30.40
C MET A 345 -26.03 -12.82 30.25
N GLY A 346 -27.04 -12.77 31.13
CA GLY A 346 -28.22 -13.60 31.04
C GLY A 346 -29.47 -12.81 30.74
N PRO A 347 -30.63 -13.44 30.83
CA PRO A 347 -31.90 -12.81 30.51
C PRO A 347 -32.42 -11.83 31.53
N GLN A 348 -33.39 -11.04 31.08
CA GLN A 348 -34.20 -10.21 31.94
C GLN A 348 -34.95 -11.09 32.89
N PHE A 349 -35.19 -10.57 34.08
CA PHE A 349 -35.80 -11.35 35.17
C PHE A 349 -37.18 -11.86 34.81
N GLU A 350 -37.92 -11.14 33.97
CA GLU A 350 -39.28 -11.54 33.59
C GLU A 350 -39.35 -12.85 32.81
N ASP A 351 -38.27 -13.19 32.11
CA ASP A 351 -38.34 -14.23 31.10
C ASP A 351 -38.08 -15.60 31.75
N GLU A 352 -39.13 -16.16 32.36
CA GLU A 352 -39.01 -17.35 33.20
C GLU A 352 -38.27 -18.51 32.54
N ARG A 353 -38.66 -18.81 31.31
CA ARG A 353 -38.10 -19.95 30.56
C ARG A 353 -36.60 -19.83 30.33
N ASN A 354 -36.19 -18.65 29.87
CA ASN A 354 -34.80 -18.44 29.60
C ASN A 354 -34.00 -18.29 30.88
N VAL A 355 -34.59 -17.76 31.93
CA VAL A 355 -33.91 -17.69 33.22
C VAL A 355 -33.64 -19.09 33.74
N LYS A 356 -34.61 -19.99 33.62
CA LYS A 356 -34.47 -21.36 34.07
C LYS A 356 -33.31 -22.03 33.33
N LYS A 357 -33.18 -21.77 32.02
CA LYS A 357 -32.09 -22.32 31.23
C LYS A 357 -30.76 -21.75 31.69
N PHE A 358 -30.70 -20.42 31.82
CA PHE A 358 -29.46 -19.75 32.27
C PHE A 358 -28.98 -20.31 33.62
N LEU A 359 -29.90 -20.56 34.55
CA LEU A 359 -29.54 -21.04 35.89
C LEU A 359 -29.31 -22.53 35.99
N SER A 360 -29.67 -23.27 34.94
CA SER A 360 -29.51 -24.73 34.87
C SER A 360 -28.07 -25.14 34.87
N ARG A 361 -27.22 -24.32 34.29
CA ARG A 361 -25.86 -24.72 34.04
C ARG A 361 -25.13 -24.71 35.35
N ASN A 362 -24.30 -25.73 35.55
CA ASN A 362 -23.46 -25.80 36.73
C ASN A 362 -22.32 -24.79 36.65
N ARG A 363 -22.13 -23.99 37.69
CA ARG A 363 -20.98 -23.09 37.75
C ARG A 363 -20.42 -23.03 39.15
N ALA A 364 -19.20 -22.54 39.25
CA ALA A 364 -18.52 -22.55 40.54
C ALA A 364 -19.11 -21.45 41.45
N PHE A 365 -19.66 -20.40 40.85
CA PHE A 365 -20.19 -19.26 41.60
C PHE A 365 -21.66 -19.05 41.24
N ARG A 366 -22.40 -18.40 42.14
CA ARG A 366 -23.84 -18.17 42.00
C ARG A 366 -24.16 -16.99 41.08
N PRO A 367 -25.02 -17.15 40.09
CA PRO A 367 -25.45 -16.02 39.27
C PRO A 367 -26.20 -14.98 40.14
N PHE A 368 -26.38 -13.77 39.61
CA PHE A 368 -26.93 -12.72 40.42
C PHE A 368 -27.73 -11.81 39.54
N ILE A 369 -28.61 -11.05 40.17
CA ILE A 369 -29.40 -10.04 39.48
C ILE A 369 -28.76 -8.66 39.63
N GLU A 370 -28.68 -7.93 38.53
CA GLU A 370 -28.21 -6.55 38.55
C GLU A 370 -29.00 -5.75 37.54
N ASN A 371 -29.58 -4.63 37.97
CA ASN A 371 -30.37 -3.81 37.09
C ASN A 371 -31.41 -4.61 36.26
N GLY A 372 -32.16 -5.53 36.89
CA GLY A 372 -33.29 -6.15 36.22
C GLY A 372 -32.91 -7.39 35.44
N ARG A 373 -31.63 -7.77 35.44
CA ARG A 373 -31.17 -8.78 34.52
C ARG A 373 -30.25 -9.74 35.21
N TRP A 374 -30.26 -11.00 34.79
CA TRP A 374 -29.36 -11.98 35.38
C TRP A 374 -27.97 -11.90 34.75
N TRP A 375 -26.98 -12.25 35.55
CA TRP A 375 -25.59 -12.31 35.14
C TRP A 375 -25.00 -13.50 35.86
N ALA A 376 -23.99 -14.14 35.25
CA ALA A 376 -23.23 -15.24 35.88
C ALA A 376 -21.73 -14.99 35.85
N PHE A 377 -21.03 -15.35 36.92
CA PHE A 377 -19.57 -15.46 36.86
C PHE A 377 -19.24 -16.76 36.13
N GLU A 378 -18.42 -16.67 35.11
CA GLU A 378 -17.89 -17.82 34.38
C GLU A 378 -16.39 -17.65 34.13
N MET A 379 -15.75 -18.68 33.62
CA MET A 379 -14.29 -18.76 33.57
C MET A 379 -13.79 -18.66 32.12
N ARG A 380 -12.83 -17.77 31.87
CA ARG A 380 -12.16 -17.65 30.59
C ARG A 380 -11.34 -18.89 30.35
N LYS A 381 -11.16 -19.22 29.08
CA LYS A 381 -10.23 -20.28 28.68
C LYS A 381 -8.81 -19.80 28.39
N PHE A 382 -8.58 -18.51 28.53
CA PHE A 382 -7.24 -17.95 28.40
C PHE A 382 -7.22 -16.65 29.22
N THR A 383 -6.05 -16.28 29.72
CA THR A 383 -5.88 -15.05 30.47
C THR A 383 -4.78 -14.11 29.99
N THR A 384 -4.05 -14.48 28.93
CA THR A 384 -3.07 -13.59 28.29
C THR A 384 -3.42 -13.42 26.84
N PRO A 385 -3.01 -12.30 26.23
CA PRO A 385 -3.37 -12.10 24.83
C PRO A 385 -2.68 -13.11 23.90
N GLU A 386 -1.47 -13.51 24.22
CA GLU A 386 -0.79 -14.62 23.53
C GLU A 386 -1.61 -15.92 23.52
N GLU A 387 -2.19 -16.32 24.65
CA GLU A 387 -3.04 -17.52 24.72
C GLU A 387 -4.31 -17.30 23.92
N GLY A 388 -4.87 -16.09 24.02
CA GLY A 388 -6.04 -15.81 23.23
C GLY A 388 -5.80 -15.94 21.72
N VAL A 389 -4.70 -15.35 21.25
CA VAL A 389 -4.42 -15.38 19.83
C VAL A 389 -4.06 -16.81 19.37
N ARG A 390 -3.42 -17.63 20.21
CA ARG A 390 -3.21 -19.04 19.83
C ARG A 390 -4.57 -19.71 19.57
N SER A 391 -5.52 -19.47 20.46
CA SER A 391 -6.85 -20.01 20.30
C SER A 391 -7.52 -19.44 19.04
N TYR A 392 -7.46 -18.15 18.89
CA TYR A 392 -8.15 -17.51 17.78
C TYR A 392 -7.63 -17.95 16.42
N ALA A 393 -6.31 -17.93 16.24
CA ALA A 393 -5.67 -18.33 15.00
C ALA A 393 -5.87 -19.81 14.67
N SER A 394 -6.01 -20.64 15.69
CA SER A 394 -6.23 -22.05 15.54
C SER A 394 -7.63 -22.39 15.03
N THR A 395 -8.59 -21.56 15.43
CA THR A 395 -10.00 -21.79 15.21
C THR A 395 -10.58 -20.88 14.10
N HIS A 396 -10.08 -19.67 13.93
CA HIS A 396 -10.66 -18.70 13.00
C HIS A 396 -9.73 -18.31 11.85
N TRP A 397 -8.80 -19.20 11.48
CA TRP A 397 -7.95 -18.98 10.32
C TRP A 397 -8.73 -18.71 9.02
N HIS A 398 -9.97 -19.18 8.92
CA HIS A 398 -10.76 -19.04 7.72
C HIS A 398 -11.20 -17.61 7.42
N THR A 399 -11.05 -16.71 8.39
CA THR A 399 -11.40 -15.32 8.20
C THR A 399 -10.17 -14.43 7.98
N LEU A 400 -9.00 -15.05 7.91
CA LEU A 400 -7.75 -14.28 7.92
C LEU A 400 -7.14 -14.11 6.55
N GLY A 401 -7.97 -14.19 5.50
CA GLY A 401 -7.49 -14.11 4.14
C GLY A 401 -7.41 -15.50 3.54
N LYS A 402 -7.70 -15.63 2.26
CA LYS A 402 -7.72 -16.95 1.62
C LYS A 402 -6.41 -17.70 1.80
N ASN A 403 -5.30 -17.04 1.46
CA ASN A 403 -3.99 -17.66 1.41
C ASN A 403 -3.25 -17.53 2.75
N VAL A 404 -3.36 -16.37 3.37
CA VAL A 404 -2.81 -16.15 4.70
C VAL A 404 -3.43 -17.10 5.71
N GLY A 405 -4.74 -17.25 5.64
CA GLY A 405 -5.46 -18.13 6.55
C GLY A 405 -5.11 -19.60 6.33
N GLU A 406 -5.01 -20.03 5.08
CA GLU A 406 -4.64 -21.40 4.75
C GLU A 406 -3.24 -21.69 5.28
N SER A 407 -2.33 -20.73 5.12
CA SER A 407 -0.99 -20.91 5.66
C SER A 407 -1.00 -21.07 7.19
N ILE A 408 -1.67 -20.17 7.87
CA ILE A 408 -1.82 -20.24 9.34
C ILE A 408 -2.44 -21.57 9.80
N ARG A 409 -3.36 -22.10 9.00
CA ARG A 409 -3.90 -23.44 9.24
C ARG A 409 -2.80 -24.51 9.28
N GLU A 410 -1.86 -24.47 8.35
CA GLU A 410 -0.80 -25.48 8.30
C GLU A 410 0.19 -25.32 9.43
N TYR A 411 0.43 -24.07 9.84
CA TYR A 411 1.47 -23.80 10.82
C TYR A 411 1.49 -22.33 11.19
N PHE A 412 1.43 -22.04 12.47
CA PHE A 412 1.84 -20.74 12.98
C PHE A 412 2.49 -20.88 14.36
N GLU A 413 3.11 -19.80 14.81
CA GLU A 413 3.82 -19.75 16.10
C GLU A 413 3.50 -18.39 16.67
N ILE A 414 3.27 -18.30 17.96
CA ILE A 414 3.21 -17.01 18.66
C ILE A 414 4.57 -16.82 19.29
N ILE A 415 5.22 -15.70 19.00
CA ILE A 415 6.51 -15.38 19.60
C ILE A 415 6.47 -14.08 20.41
N SER A 416 6.99 -14.16 21.63
CA SER A 416 7.11 -13.06 22.59
C SER A 416 8.58 -12.92 23.05
N GLY A 417 8.90 -11.75 23.62
CA GLY A 417 10.14 -11.51 24.34
C GLY A 417 11.39 -11.58 23.49
N GLU A 418 12.44 -12.13 24.09
CA GLU A 418 13.76 -12.15 23.49
C GLU A 418 13.74 -12.96 22.19
N LYS A 419 12.82 -13.92 22.10
CA LYS A 419 12.72 -14.71 20.89
C LYS A 419 12.13 -13.84 19.79
N LEU A 420 11.12 -13.04 20.12
CA LEU A 420 10.57 -12.12 19.14
C LEU A 420 11.66 -11.23 18.55
N PHE A 421 12.59 -10.80 19.39
CA PHE A 421 13.61 -9.87 18.96
C PHE A 421 14.68 -10.51 18.06
N LYS A 422 14.69 -11.85 17.96
CA LYS A 422 15.56 -12.58 17.01
C LYS A 422 15.05 -12.58 15.54
N GLU A 423 13.77 -12.26 15.36
CA GLU A 423 13.14 -12.30 14.06
C GLU A 423 13.35 -10.96 13.40
N PRO A 424 13.27 -10.92 12.07
CA PRO A 424 13.50 -9.67 11.33
C PRO A 424 12.31 -8.72 11.37
N VAL A 425 11.95 -8.30 12.57
CA VAL A 425 10.78 -7.49 12.82
C VAL A 425 11.10 -6.28 13.72
N THR A 426 12.37 -6.13 14.12
CA THR A 426 12.71 -5.15 15.16
C THR A 426 12.42 -3.74 14.69
N ALA A 427 12.63 -3.47 13.40
CA ALA A 427 12.29 -2.17 12.81
C ALA A 427 10.81 -1.86 12.85
N GLU A 428 9.98 -2.84 12.48
CA GLU A 428 8.54 -2.67 12.46
C GLU A 428 8.03 -2.45 13.91
N LEU A 429 8.66 -3.16 14.86
CA LEU A 429 8.31 -3.00 16.27
C LEU A 429 8.61 -1.59 16.72
N CYS A 430 9.81 -1.09 16.40
CA CYS A 430 10.24 0.27 16.79
C CYS A 430 9.30 1.33 16.23
N GLU A 431 8.89 1.17 15.00
CA GLU A 431 7.97 2.11 14.40
C GLU A 431 6.59 2.03 15.05
N MET A 432 6.10 0.82 15.29
CA MET A 432 4.81 0.61 15.94
C MET A 432 4.74 1.28 17.33
N MET A 433 5.88 1.29 18.04
CA MET A 433 5.91 1.83 19.39
C MET A 433 6.35 3.27 19.41
N GLY A 434 6.64 3.85 18.25
CA GLY A 434 7.08 5.24 18.19
C GLY A 434 8.45 5.43 18.81
N VAL A 435 9.31 4.44 18.71
CA VAL A 435 10.66 4.57 19.31
C VAL A 435 11.45 5.71 18.62
N LYS A 436 12.06 6.60 19.41
CA LYS A 436 12.89 7.68 18.89
C LYS A 436 14.34 7.22 18.60
N ASP A 437 15.15 8.11 18.04
CA ASP A 437 16.58 7.86 17.82
C ASP A 437 17.40 8.01 19.10
MN MN B . 6.11 3.48 -15.82
MN MN C . -14.45 -18.40 12.52
MG MG D . 7.02 -3.74 -15.25
MG MG E . 6.18 0.93 -15.69
NA NA F . -9.64 -22.02 19.58
CL CL G . -5.17 6.52 -13.12
PG ATP H . 6.45 5.37 -13.04
O1G ATP H . 7.60 6.28 -13.24
O2G ATP H . 6.19 5.12 -11.54
O3G ATP H . 6.70 4.06 -13.78
PB ATP H . 4.39 6.04 -15.01
O1B ATP H . 3.87 7.42 -15.33
O2B ATP H . 5.11 5.44 -16.21
O3B ATP H . 5.21 6.19 -13.63
PA ATP H . 2.86 3.62 -14.68
O1A ATP H . 4.03 2.85 -15.19
O2A ATP H . 2.32 3.09 -13.33
O3A ATP H . 3.07 5.21 -14.60
O5' ATP H . 1.69 3.59 -15.80
C5' ATP H . 1.86 4.06 -17.13
C4' ATP H . 0.47 4.27 -17.72
O4' ATP H . -0.25 3.04 -17.69
C3' ATP H . -0.35 5.30 -16.92
O3' ATP H . -0.92 6.27 -17.76
C2' ATP H . -1.42 4.47 -16.23
O2' ATP H . -2.69 5.09 -16.17
C1' ATP H . -1.52 3.22 -17.08
N9 ATP H . -2.03 2.05 -16.31
C8 ATP H . -2.60 2.07 -15.06
N7 ATP H . -2.94 0.81 -14.72
C5 ATP H . -2.62 -0.02 -15.72
C6 ATP H . -2.76 -1.40 -15.87
N6 ATP H . -3.55 -2.04 -15.00
N1 ATP H . -2.34 -2.02 -17.04
C2 ATP H . -1.78 -1.25 -18.04
N3 ATP H . -1.64 0.12 -17.89
C4 ATP H . -2.05 0.73 -16.74
PG ATP I . -17.33 -16.87 12.69
O1G ATP I . -18.48 -16.50 13.56
O2G ATP I . -17.82 -17.28 11.29
O3G ATP I . -16.54 -18.05 13.32
PB ATP I . -14.97 -15.38 11.99
O1B ATP I . -14.31 -16.65 11.61
O2B ATP I . -15.01 -14.28 10.87
O3B ATP I . -16.42 -15.55 12.67
PA ATP I . -14.37 -13.33 13.86
O1A ATP I . -13.06 -12.75 14.20
O2A ATP I . -15.16 -12.37 12.92
O3A ATP I . -14.05 -14.74 13.16
O5' ATP I . -15.27 -13.68 15.18
C5' ATP I . -15.09 -14.90 15.87
C4' ATP I . -16.06 -15.07 17.02
O4' ATP I . -16.07 -13.95 17.89
C3' ATP I . -17.49 -15.27 16.54
O3' ATP I . -17.70 -16.61 16.18
C2' ATP I . -18.32 -14.77 17.72
O2' ATP I . -18.63 -15.78 18.68
C1' ATP I . -17.39 -13.74 18.37
N9 ATP I . -17.80 -12.39 17.97
C8 ATP I . -17.59 -11.79 16.75
N7 ATP I . -18.12 -10.54 16.79
C5 ATP I . -18.66 -10.34 18.02
C6 ATP I . -19.30 -9.25 18.58
N6 ATP I . -19.81 -8.33 17.75
N1 ATP I . -19.75 -9.34 19.89
C2 ATP I . -19.55 -10.50 20.64
N3 ATP I . -18.91 -11.58 20.08
C4 ATP I . -18.48 -11.50 18.78
#